data_5CTY
#
_entry.id   5CTY
#
_cell.length_a   142.551
_cell.length_b   55.463
_cell.length_c   51.131
_cell.angle_alpha   90.000
_cell.angle_beta   100.480
_cell.angle_gamma   90.000
#
_symmetry.space_group_name_H-M   'C 1 2 1'
#
loop_
_entity.id
_entity.type
_entity.pdbx_description
1 polymer 'DNA gyrase subunit B'
2 non-polymer (4S)-2-METHYL-2,4-PENTANEDIOL
3 non-polymer 'CHLORIDE ION'
4 non-polymer 'MAGNESIUM ION'
5 non-polymer 3-[2-(pyridin-3-yl)-1,3-thiazol-5-yl]-2,7-dihydro-6H-pyrazolo[3,4-b]pyridin-6-one
6 water water
#
_entity_poly.entity_id   1
_entity_poly.type   'polypeptide(L)'
_entity_poly.pdbx_seq_one_letter_code
;GSVTALSDVNNTDNYGAGQIQVLEGLEAVRKRPGMYIGSTSERGLHHLVWEIVDNSIDEALAGYANQIEVVIEKDNWIKV
TDNGRGIPVDIQEKMGRPAVEVILTSSVVNALSQDLEVYVHRNETIYHQAYKKGVPQFDLKEVGTTDKTGTVIRFKADGE
IFTETTVYNYETLQQRIRELAFLNKGIQITLRDERDEENVREDSYHYEGGIK
;
_entity_poly.pdbx_strand_id   A,B
#
loop_
_chem_comp.id
_chem_comp.type
_chem_comp.name
_chem_comp.formula
55H non-polymer 3-[2-(pyridin-3-yl)-1,3-thiazol-5-yl]-2,7-dihydro-6H-pyrazolo[3,4-b]pyridin-6-one 'C14 H9 N5 O S'
CL non-polymer 'CHLORIDE ION' 'Cl -1'
MG non-polymer 'MAGNESIUM ION' 'Mg 2'
MPD non-polymer (4S)-2-METHYL-2,4-PENTANEDIOL 'C6 H14 O2'
#
# COMPACT_ATOMS: atom_id res chain seq x y z
N ALA A 17 -5.16 -3.71 3.13
CA ALA A 17 -4.69 -3.19 4.48
C ALA A 17 -4.21 -1.74 4.40
N GLY A 18 -3.54 -1.40 3.28
CA GLY A 18 -2.98 -0.06 3.05
C GLY A 18 -4.00 1.09 3.14
N GLN A 19 -5.10 0.92 2.40
CA GLN A 19 -6.16 1.96 2.35
CA GLN A 19 -6.20 1.86 2.29
C GLN A 19 -7.06 1.93 3.60
N ILE A 20 -7.27 0.78 4.23
CA ILE A 20 -7.88 0.77 5.60
C ILE A 20 -7.06 1.55 6.65
N GLN A 21 -5.76 1.35 6.61
CA GLN A 21 -4.85 2.05 7.49
CA GLN A 21 -4.78 2.09 7.42
C GLN A 21 -4.96 3.59 7.18
N VAL A 22 -5.14 3.96 5.90
CA VAL A 22 -5.39 5.37 5.51
C VAL A 22 -6.61 5.96 6.24
N LEU A 23 -7.73 5.28 6.14
CA LEU A 23 -8.95 5.69 6.76
C LEU A 23 -8.81 5.84 8.27
N GLU A 24 -8.10 4.90 8.90
CA GLU A 24 -7.89 4.97 10.35
C GLU A 24 -7.01 6.18 10.74
N GLY A 25 -6.07 6.52 9.88
CA GLY A 25 -5.22 7.69 10.04
C GLY A 25 -5.98 8.98 10.00
N LEU A 26 -6.95 9.06 9.09
CA LEU A 26 -7.79 10.25 8.95
C LEU A 26 -8.62 10.39 10.18
N GLU A 27 -9.28 9.29 10.61
CA GLU A 27 -10.08 9.30 11.85
C GLU A 27 -9.22 9.77 13.02
N ALA A 28 -8.01 9.27 13.14
CA ALA A 28 -7.13 9.62 14.26
C ALA A 28 -6.83 11.11 14.27
N VAL A 29 -6.48 11.66 13.14
CA VAL A 29 -6.14 13.11 13.07
C VAL A 29 -7.37 13.99 13.37
N ARG A 30 -8.53 13.63 12.84
CA ARG A 30 -9.74 14.42 13.05
C ARG A 30 -10.28 14.30 14.47
N LYS A 31 -9.93 13.22 15.14
CA LYS A 31 -10.36 13.02 16.53
C LYS A 31 -9.49 13.85 17.49
N ARG A 32 -8.20 14.00 17.21
CA ARG A 32 -7.30 14.74 18.10
C ARG A 32 -6.43 15.66 17.37
N PRO A 33 -7.07 16.62 16.65
CA PRO A 33 -6.28 17.48 15.76
C PRO A 33 -5.19 18.28 16.42
N GLY A 34 -5.44 18.73 17.64
CA GLY A 34 -4.44 19.48 18.34
C GLY A 34 -3.19 18.67 18.69
N MET A 35 -3.31 17.34 18.76
CA MET A 35 -2.08 16.53 18.97
C MET A 35 -1.20 16.57 17.74
N TYR A 36 -1.80 16.83 16.58
CA TYR A 36 -1.07 16.88 15.33
C TYR A 36 -0.56 18.22 14.93
N ILE A 37 -1.34 19.29 15.13
CA ILE A 37 -0.95 20.68 14.71
C ILE A 37 -0.79 21.74 15.80
N GLY A 38 -0.84 21.30 17.05
CA GLY A 38 -0.59 22.15 18.18
C GLY A 38 -1.81 22.69 18.85
N SER A 39 -2.81 23.02 18.02
CA SER A 39 -4.00 23.72 18.47
CA SER A 39 -3.96 23.80 18.45
C SER A 39 -4.96 23.77 17.33
N THR A 40 -6.21 23.96 17.66
CA THR A 40 -7.20 24.27 16.64
C THR A 40 -7.69 25.74 16.65
N SER A 41 -6.91 26.58 17.31
CA SER A 41 -7.08 28.03 17.34
C SER A 41 -6.56 28.66 16.05
N GLU A 42 -6.54 29.99 16.01
CA GLU A 42 -5.98 30.72 14.89
C GLU A 42 -4.59 30.22 14.59
N ARG A 43 -3.80 29.90 15.62
CA ARG A 43 -2.44 29.38 15.40
CA ARG A 43 -2.42 29.41 15.37
C ARG A 43 -2.40 28.10 14.60
N GLY A 44 -3.26 27.17 14.96
CA GLY A 44 -3.34 25.90 14.22
C GLY A 44 -3.84 26.09 12.80
N LEU A 45 -4.78 27.02 12.60
CA LEU A 45 -5.24 27.35 11.24
C LEU A 45 -4.07 27.73 10.36
N HIS A 46 -3.20 28.63 10.85
CA HIS A 46 -2.09 29.08 10.04
C HIS A 46 -1.05 27.99 9.87
N HIS A 47 -0.95 27.08 10.81
CA HIS A 47 -0.02 25.95 10.72
C HIS A 47 -0.33 25.09 9.49
N LEU A 48 -1.60 25.05 9.05
CA LEU A 48 -1.94 24.34 7.79
C LEU A 48 -1.08 24.85 6.62
N VAL A 49 -1.00 26.17 6.52
CA VAL A 49 -0.22 26.79 5.47
C VAL A 49 1.24 26.42 5.59
N TRP A 50 1.77 26.50 6.80
CA TRP A 50 3.19 26.13 7.00
C TRP A 50 3.52 24.71 6.59
N GLU A 51 2.61 23.80 6.86
CA GLU A 51 2.85 22.41 6.51
C GLU A 51 3.03 22.26 5.01
N ILE A 52 2.16 22.91 4.24
CA ILE A 52 2.22 22.82 2.80
C ILE A 52 3.41 23.54 2.26
N VAL A 53 3.66 24.77 2.75
CA VAL A 53 4.79 25.58 2.26
C VAL A 53 6.10 24.86 2.58
N ASP A 54 6.19 24.26 3.77
CA ASP A 54 7.42 23.50 4.13
C ASP A 54 7.79 22.42 3.09
N ASN A 55 6.77 21.73 2.60
CA ASN A 55 6.94 20.63 1.59
C ASN A 55 7.46 21.28 0.29
N SER A 56 6.92 22.45 -0.11
CA SER A 56 7.48 23.11 -1.30
C SER A 56 8.93 23.56 -1.11
N ILE A 57 9.23 24.07 0.09
CA ILE A 57 10.59 24.48 0.40
C ILE A 57 11.54 23.30 0.29
N ASP A 58 11.11 22.13 0.78
CA ASP A 58 11.98 20.92 0.63
C ASP A 58 12.29 20.62 -0.81
N GLU A 59 11.32 20.77 -1.68
CA GLU A 59 11.49 20.60 -3.11
C GLU A 59 12.47 21.62 -3.72
N ALA A 60 12.52 22.83 -3.17
CA ALA A 60 13.49 23.84 -3.62
C ALA A 60 14.86 23.49 -3.14
N LEU A 61 14.90 23.09 -1.88
CA LEU A 61 16.16 22.70 -1.29
C LEU A 61 16.79 21.49 -2.00
N ALA A 62 15.96 20.59 -2.49
CA ALA A 62 16.38 19.43 -3.29
C ALA A 62 16.93 19.86 -4.63
N GLY A 63 16.73 21.13 -5.06
CA GLY A 63 17.26 21.62 -6.27
C GLY A 63 16.27 21.78 -7.41
N TYR A 64 15.00 21.58 -7.12
CA TYR A 64 14.01 21.41 -8.21
C TYR A 64 12.95 22.48 -8.36
N ALA A 65 12.77 23.32 -7.36
CA ALA A 65 11.85 24.47 -7.38
C ALA A 65 12.57 25.74 -6.96
N ASN A 66 12.07 26.88 -7.44
CA ASN A 66 12.52 28.15 -6.96
C ASN A 66 11.49 29.23 -6.81
N GLN A 67 10.19 28.86 -6.92
CA GLN A 67 9.14 29.82 -6.80
C GLN A 67 7.99 29.14 -6.07
N ILE A 68 7.51 29.83 -5.07
CA ILE A 68 6.37 29.38 -4.25
C ILE A 68 5.40 30.52 -4.18
N GLU A 69 4.09 30.28 -4.40
CA GLU A 69 3.10 31.38 -4.34
C GLU A 69 2.02 30.91 -3.39
N VAL A 70 1.68 31.78 -2.45
CA VAL A 70 0.60 31.50 -1.52
C VAL A 70 -0.45 32.56 -1.76
N VAL A 71 -1.69 32.07 -2.03
CA VAL A 71 -2.82 32.99 -2.32
C VAL A 71 -3.93 32.72 -1.29
N ILE A 72 -4.40 33.79 -0.64
CA ILE A 72 -5.62 33.69 0.17
C ILE A 72 -6.74 34.04 -0.79
N GLU A 73 -7.59 33.09 -1.09
CA GLU A 73 -8.63 33.19 -2.09
C GLU A 73 -9.91 33.53 -1.36
N LYS A 74 -10.89 33.99 -2.13
CA LYS A 74 -12.23 34.16 -1.59
C LYS A 74 -12.69 32.98 -0.70
N ASP A 75 -13.35 33.37 0.38
CA ASP A 75 -13.89 32.49 1.46
CA ASP A 75 -13.89 32.47 1.42
C ASP A 75 -12.79 31.74 2.16
N ASN A 76 -11.60 32.31 2.17
CA ASN A 76 -10.49 31.74 2.93
C ASN A 76 -10.07 30.34 2.50
N TRP A 77 -10.15 30.10 1.20
CA TRP A 77 -9.33 29.03 0.59
C TRP A 77 -7.89 29.50 0.56
N ILE A 78 -6.96 28.56 0.65
CA ILE A 78 -5.57 28.86 0.41
C ILE A 78 -5.14 28.09 -0.80
N LYS A 79 -4.35 28.71 -1.66
CA LYS A 79 -3.76 28.03 -2.84
C LYS A 79 -2.29 28.15 -2.68
N VAL A 80 -1.56 27.01 -2.74
CA VAL A 80 -0.12 27.07 -2.70
C VAL A 80 0.35 26.44 -4.00
N THR A 81 1.20 27.16 -4.71
CA THR A 81 1.75 26.72 -6.01
C THR A 81 3.25 26.70 -5.91
N ASP A 82 3.88 25.61 -6.38
CA ASP A 82 5.35 25.62 -6.53
C ASP A 82 5.71 25.19 -7.94
N ASN A 83 6.92 25.51 -8.35
CA ASN A 83 7.40 25.07 -9.66
C ASN A 83 8.42 23.91 -9.51
N GLY A 84 8.14 22.94 -8.65
CA GLY A 84 9.02 21.81 -8.48
C GLY A 84 8.67 20.73 -9.52
N ARG A 85 9.01 19.49 -9.18
CA ARG A 85 8.84 18.41 -10.15
C ARG A 85 7.42 17.98 -10.41
N GLY A 86 6.51 18.38 -9.54
CA GLY A 86 5.17 17.81 -9.54
C GLY A 86 5.13 16.57 -8.67
N ILE A 87 4.14 16.41 -7.81
CA ILE A 87 4.07 15.20 -7.03
C ILE A 87 3.87 14.00 -7.98
N PRO A 88 4.63 12.91 -7.77
CA PRO A 88 4.52 11.80 -8.70
C PRO A 88 3.13 11.18 -8.74
N VAL A 89 2.80 10.66 -9.90
CA VAL A 89 1.50 10.07 -10.16
C VAL A 89 1.54 8.55 -10.48
N ASP A 90 2.74 7.96 -10.47
CA ASP A 90 2.90 6.54 -10.78
C ASP A 90 2.19 5.70 -9.72
N ILE A 91 1.71 4.53 -10.14
CA ILE A 91 0.95 3.60 -9.28
C ILE A 91 1.95 3.01 -8.33
N GLN A 92 1.59 3.04 -7.05
CA GLN A 92 2.43 2.38 -6.06
C GLN A 92 2.11 0.90 -5.98
N GLU A 93 3.15 0.08 -5.88
CA GLU A 93 2.97 -1.33 -5.53
C GLU A 93 2.41 -1.45 -4.11
N LYS A 94 2.89 -0.62 -3.17
CA LYS A 94 2.33 -0.46 -1.80
C LYS A 94 0.78 -0.31 -1.67
N MET A 95 0.23 0.76 -2.27
CA MET A 95 -1.22 1.04 -2.22
C MET A 95 -2.06 0.57 -3.44
N GLY A 96 -1.42 0.30 -4.59
CA GLY A 96 -2.18 0.08 -5.85
C GLY A 96 -2.80 1.42 -6.34
N ARG A 97 -2.35 2.51 -5.74
CA ARG A 97 -2.93 3.85 -6.00
C ARG A 97 -1.84 4.73 -6.47
N PRO A 98 -2.20 5.83 -7.18
CA PRO A 98 -1.20 6.79 -7.61
C PRO A 98 -0.47 7.42 -6.41
N ALA A 99 0.81 7.66 -6.59
CA ALA A 99 1.66 8.19 -5.51
C ALA A 99 1.06 9.45 -4.87
N VAL A 100 0.62 10.38 -5.69
CA VAL A 100 0.03 11.64 -5.18
C VAL A 100 -1.11 11.35 -4.28
N GLU A 101 -1.97 10.39 -4.63
CA GLU A 101 -3.07 10.03 -3.73
C GLU A 101 -2.62 9.51 -2.39
N VAL A 102 -1.59 8.70 -2.35
CA VAL A 102 -1.07 8.20 -1.07
C VAL A 102 -0.56 9.35 -0.21
N ILE A 103 0.23 10.21 -0.81
CA ILE A 103 0.85 11.37 -0.16
C ILE A 103 -0.23 12.29 0.41
N LEU A 104 -1.26 12.57 -0.42
CA LEU A 104 -2.29 13.47 0.09
C LEU A 104 -3.28 12.86 1.04
N THR A 105 -3.65 11.57 0.90
CA THR A 105 -4.48 10.94 1.95
C THR A 105 -3.78 10.65 3.29
N SER A 106 -2.43 10.80 3.30
CA SER A 106 -1.73 10.74 4.56
C SER A 106 -1.31 12.12 5.13
N SER A 107 -1.84 13.19 4.55
CA SER A 107 -1.61 14.56 4.94
C SER A 107 -2.58 15.06 6.02
N VAL A 108 -2.00 15.63 7.09
CA VAL A 108 -2.78 16.27 8.15
C VAL A 108 -3.63 17.45 7.58
N VAL A 109 -3.07 18.23 6.66
CA VAL A 109 -3.80 19.37 6.08
C VAL A 109 -5.04 18.86 5.40
N ASN A 110 -4.91 17.77 4.64
CA ASN A 110 -6.01 17.21 3.92
C ASN A 110 -7.05 16.69 4.85
N ALA A 111 -6.68 15.89 5.86
CA ALA A 111 -7.65 15.42 6.89
C ALA A 111 -8.45 16.53 7.57
N LEU A 112 -7.76 17.64 7.77
CA LEU A 112 -8.34 18.80 8.47
C LEU A 112 -8.92 19.90 7.58
N SER A 113 -9.08 19.57 6.31
CA SER A 113 -9.73 20.44 5.30
C SER A 113 -11.07 19.88 4.92
N GLN A 114 -12.09 20.74 4.85
CA GLN A 114 -13.38 20.32 4.31
CA GLN A 114 -13.33 20.20 4.35
C GLN A 114 -13.28 19.89 2.90
N ASP A 115 -12.39 20.57 2.16
CA ASP A 115 -12.15 20.27 0.76
C ASP A 115 -10.71 20.59 0.42
N LEU A 116 -10.13 19.81 -0.46
CA LEU A 116 -8.77 20.05 -0.90
C LEU A 116 -8.70 19.59 -2.30
N GLU A 117 -7.96 20.35 -3.15
CA GLU A 117 -7.77 19.96 -4.54
C GLU A 117 -6.25 19.98 -4.84
N VAL A 118 -5.79 19.08 -5.69
CA VAL A 118 -4.41 19.12 -6.15
C VAL A 118 -4.47 19.17 -7.68
N TYR A 119 -3.56 19.94 -8.28
CA TYR A 119 -3.27 19.87 -9.70
C TYR A 119 -1.81 19.65 -9.82
N VAL A 120 -1.40 18.55 -10.48
CA VAL A 120 0.00 18.30 -10.74
C VAL A 120 0.31 18.54 -12.21
N HIS A 121 1.37 19.27 -12.48
CA HIS A 121 1.89 19.49 -13.80
C HIS A 121 3.13 18.58 -13.89
N ARG A 122 3.11 17.51 -14.69
CA ARG A 122 4.23 16.56 -14.74
C ARG A 122 4.00 15.70 -16.00
N ASN A 123 5.06 15.25 -16.62
CA ASN A 123 4.95 14.40 -17.79
C ASN A 123 4.12 15.11 -18.91
N GLU A 124 4.21 16.45 -19.01
CA GLU A 124 3.51 17.27 -19.99
C GLU A 124 1.98 17.13 -19.87
N THR A 125 1.51 16.76 -18.68
CA THR A 125 0.17 16.47 -18.38
C THR A 125 -0.25 17.19 -17.08
N ILE A 126 -1.49 17.62 -17.06
CA ILE A 126 -2.06 18.16 -15.84
C ILE A 126 -2.94 17.09 -15.23
N TYR A 127 -2.69 16.71 -13.96
CA TYR A 127 -3.49 15.71 -13.26
C TYR A 127 -4.24 16.40 -12.13
N HIS A 128 -5.45 15.94 -11.84
CA HIS A 128 -6.29 16.55 -10.81
C HIS A 128 -6.95 15.50 -9.95
N GLN A 129 -7.02 15.76 -8.66
CA GLN A 129 -7.83 15.02 -7.72
C GLN A 129 -8.37 15.97 -6.66
N ALA A 130 -9.52 15.64 -6.12
CA ALA A 130 -10.16 16.38 -5.05
C ALA A 130 -10.53 15.45 -3.93
N TYR A 131 -10.57 16.03 -2.76
CA TYR A 131 -10.75 15.31 -1.48
C TYR A 131 -11.68 16.10 -0.57
N LYS A 132 -12.38 15.36 0.34
CA LYS A 132 -13.12 15.98 1.45
C LYS A 132 -12.76 15.27 2.71
N LYS A 133 -12.18 16.02 3.68
CA LYS A 133 -11.74 15.48 4.97
C LYS A 133 -10.76 14.33 4.76
N GLY A 134 -9.99 14.44 3.67
CA GLY A 134 -8.94 13.52 3.33
C GLY A 134 -9.35 12.40 2.39
N VAL A 135 -10.66 12.25 2.20
CA VAL A 135 -11.19 11.18 1.35
C VAL A 135 -11.27 11.61 -0.12
N PRO A 136 -10.61 10.87 -1.02
CA PRO A 136 -10.68 11.23 -2.46
C PRO A 136 -12.10 11.16 -2.95
N GLN A 137 -12.47 12.15 -3.74
CA GLN A 137 -13.81 12.18 -4.31
C GLN A 137 -13.97 11.45 -5.64
N PHE A 138 -12.84 11.17 -6.28
CA PHE A 138 -12.75 10.52 -7.57
C PHE A 138 -11.30 10.13 -7.78
N ASP A 139 -11.07 9.20 -8.71
CA ASP A 139 -9.72 8.81 -9.00
C ASP A 139 -8.99 9.95 -9.68
N LEU A 140 -7.68 9.95 -9.48
CA LEU A 140 -6.77 10.94 -10.16
C LEU A 140 -7.08 10.97 -11.67
N LYS A 141 -7.25 12.17 -12.21
CA LYS A 141 -7.67 12.34 -13.60
C LYS A 141 -6.68 13.18 -14.35
N GLU A 142 -6.43 12.83 -15.61
CA GLU A 142 -5.76 13.71 -16.52
C GLU A 142 -6.74 14.75 -17.03
N VAL A 143 -6.42 16.03 -16.88
CA VAL A 143 -7.40 17.09 -17.24
C VAL A 143 -6.86 18.07 -18.29
N GLY A 144 -5.61 17.97 -18.63
CA GLY A 144 -5.05 18.87 -19.60
C GLY A 144 -3.63 18.58 -19.86
N THR A 145 -2.99 19.52 -20.56
CA THR A 145 -1.59 19.38 -20.93
C THR A 145 -0.84 20.62 -20.52
N THR A 146 0.46 20.45 -20.51
CA THR A 146 1.32 21.49 -19.95
C THR A 146 2.77 21.32 -20.44
N ASP A 147 3.49 22.46 -20.43
CA ASP A 147 4.90 22.42 -20.72
C ASP A 147 5.70 22.85 -19.48
N LYS A 148 5.03 22.91 -18.32
CA LYS A 148 5.68 23.22 -17.02
C LYS A 148 5.59 22.03 -16.08
N THR A 149 6.36 22.08 -14.99
CA THR A 149 6.19 21.12 -13.88
C THR A 149 5.95 21.88 -12.63
N GLY A 150 5.19 21.27 -11.73
CA GLY A 150 4.94 21.83 -10.42
C GLY A 150 3.67 21.29 -9.85
N THR A 151 3.34 21.82 -8.69
CA THR A 151 2.15 21.35 -7.96
C THR A 151 1.38 22.52 -7.46
N VAL A 152 0.03 22.39 -7.61
CA VAL A 152 -0.92 23.35 -7.03
C VAL A 152 -1.76 22.63 -6.03
N ILE A 153 -1.87 23.19 -4.83
CA ILE A 153 -2.74 22.63 -3.73
CA ILE A 153 -2.78 22.62 -3.80
C ILE A 153 -3.68 23.75 -3.34
N ARG A 154 -4.99 23.53 -3.33
CA ARG A 154 -5.94 24.50 -2.83
C ARG A 154 -6.75 23.80 -1.76
N PHE A 155 -6.90 24.42 -0.60
CA PHE A 155 -7.66 23.83 0.49
C PHE A 155 -8.49 24.81 1.25
N LYS A 156 -9.58 24.25 1.83
CA LYS A 156 -10.46 25.00 2.64
C LYS A 156 -10.47 24.33 4.04
N ALA A 157 -9.96 25.04 5.03
CA ALA A 157 -9.88 24.53 6.41
C ALA A 157 -11.25 24.10 6.91
N ASP A 158 -11.33 22.98 7.65
CA ASP A 158 -12.64 22.48 8.07
C ASP A 158 -13.10 23.21 9.34
N GLY A 159 -14.23 23.91 9.23
CA GLY A 159 -14.74 24.69 10.36
C GLY A 159 -15.25 23.83 11.50
N GLU A 160 -15.43 22.52 11.26
CA GLU A 160 -15.73 21.58 12.37
C GLU A 160 -14.54 21.30 13.24
N ILE A 161 -13.33 21.50 12.74
CA ILE A 161 -12.07 21.32 13.46
C ILE A 161 -11.65 22.70 14.04
N PHE A 162 -11.59 23.70 13.15
CA PHE A 162 -11.17 25.06 13.50
C PHE A 162 -12.37 25.86 13.93
N THR A 163 -12.81 25.63 15.17
CA THR A 163 -14.13 26.11 15.60
C THR A 163 -14.07 27.56 16.01
N GLU A 164 -12.89 28.10 16.33
CA GLU A 164 -12.76 29.53 16.70
C GLU A 164 -12.80 30.44 15.45
N THR A 165 -11.99 30.10 14.46
CA THR A 165 -11.92 30.92 13.26
C THR A 165 -11.29 30.13 12.09
N THR A 166 -11.75 30.40 10.89
CA THR A 166 -11.12 29.89 9.63
C THR A 166 -10.64 31.05 8.75
N VAL A 167 -10.53 32.27 9.36
CA VAL A 167 -10.09 33.48 8.67
C VAL A 167 -8.63 33.70 8.88
N TYR A 168 -7.87 33.72 7.76
CA TYR A 168 -6.46 33.94 7.87
C TYR A 168 -6.11 35.42 8.10
N ASN A 169 -4.95 35.62 8.67
CA ASN A 169 -4.42 36.95 9.01
C ASN A 169 -3.27 37.25 8.04
N TYR A 170 -3.49 38.20 7.13
CA TYR A 170 -2.42 38.49 6.11
C TYR A 170 -1.07 38.77 6.73
N GLU A 171 -1.07 39.56 7.80
CA GLU A 171 0.17 39.98 8.42
C GLU A 171 0.90 38.79 9.02
N THR A 172 0.15 37.85 9.61
CA THR A 172 0.75 36.61 10.13
C THR A 172 1.44 35.76 9.05
N LEU A 173 0.73 35.63 7.96
CA LEU A 173 1.28 34.91 6.77
C LEU A 173 2.47 35.66 6.21
N GLN A 174 2.32 36.97 6.04
CA GLN A 174 3.41 37.82 5.51
CA GLN A 174 3.42 37.80 5.47
C GLN A 174 4.70 37.71 6.31
N GLN A 175 4.56 37.79 7.63
CA GLN A 175 5.73 37.79 8.53
CA GLN A 175 5.80 37.85 8.43
C GLN A 175 6.51 36.47 8.36
N ARG A 176 5.75 35.39 8.33
CA ARG A 176 6.45 34.06 8.27
C ARG A 176 6.98 33.82 6.88
N ILE A 177 6.22 34.20 5.86
CA ILE A 177 6.73 34.04 4.47
C ILE A 177 8.03 34.85 4.27
N ARG A 178 8.04 36.09 4.74
CA ARG A 178 9.24 36.89 4.67
CA ARG A 178 9.26 36.86 4.61
C ARG A 178 10.43 36.14 5.33
N GLU A 179 10.18 35.64 6.53
CA GLU A 179 11.23 34.91 7.29
C GLU A 179 11.67 33.68 6.48
N LEU A 180 10.72 32.95 5.96
CA LEU A 180 11.09 31.74 5.16
C LEU A 180 11.93 32.08 3.93
N ALA A 181 11.65 33.17 3.22
CA ALA A 181 12.41 33.53 2.05
C ALA A 181 13.83 33.97 2.52
N PHE A 182 13.88 34.73 3.64
CA PHE A 182 15.16 35.16 4.15
C PHE A 182 16.03 33.95 4.54
N LEU A 183 15.44 32.95 5.13
CA LEU A 183 16.16 31.73 5.60
C LEU A 183 16.56 30.87 4.41
N ASN A 184 15.74 30.81 3.37
CA ASN A 184 15.94 29.86 2.23
C ASN A 184 16.29 30.72 1.06
N LYS A 185 17.52 31.24 1.04
CA LYS A 185 17.88 32.25 0.03
C LYS A 185 17.81 31.66 -1.41
N GLY A 186 17.29 32.46 -2.32
CA GLY A 186 17.13 31.98 -3.69
C GLY A 186 15.72 31.58 -4.06
N ILE A 187 14.87 31.38 -3.06
CA ILE A 187 13.49 30.99 -3.36
C ILE A 187 12.62 32.25 -3.41
N GLN A 188 11.88 32.44 -4.48
CA GLN A 188 10.94 33.55 -4.60
C GLN A 188 9.64 33.10 -3.95
N ILE A 189 9.23 33.77 -2.91
CA ILE A 189 7.98 33.38 -2.26
C ILE A 189 7.04 34.60 -2.28
N THR A 190 5.86 34.38 -2.82
CA THR A 190 4.87 35.43 -3.08
C THR A 190 3.65 35.18 -2.24
N LEU A 191 3.19 36.20 -1.56
CA LEU A 191 1.89 36.12 -0.84
C LEU A 191 0.91 37.05 -1.51
N ARG A 192 -0.33 36.60 -1.76
CA ARG A 192 -1.30 37.48 -2.41
C ARG A 192 -2.61 37.30 -1.70
N ASP A 193 -3.32 38.41 -1.38
CA ASP A 193 -4.67 38.33 -0.76
C ASP A 193 -5.72 38.74 -1.77
N GLU A 194 -6.51 37.80 -2.27
CA GLU A 194 -7.55 38.02 -3.27
C GLU A 194 -8.93 37.99 -2.62
N ARG A 195 -9.03 38.04 -1.30
CA ARG A 195 -10.34 37.92 -0.66
C ARG A 195 -11.27 39.05 -1.03
N ASP A 196 -10.72 40.25 -1.17
CA ASP A 196 -11.50 41.42 -1.62
C ASP A 196 -11.00 41.76 -2.97
N GLU A 197 -11.75 41.41 -3.99
CA GLU A 197 -11.36 41.61 -5.39
C GLU A 197 -11.19 43.08 -5.77
N GLU A 198 -11.78 43.99 -5.01
CA GLU A 198 -11.60 45.41 -5.24
CA GLU A 198 -11.57 45.40 -5.30
C GLU A 198 -10.22 45.94 -4.74
N ASN A 199 -9.54 45.21 -3.81
CA ASN A 199 -8.24 45.65 -3.24
C ASN A 199 -7.40 44.40 -3.00
N VAL A 200 -6.58 44.08 -3.98
CA VAL A 200 -5.71 42.89 -3.92
C VAL A 200 -4.35 43.33 -3.50
N ARG A 201 -3.79 42.65 -2.50
CA ARG A 201 -2.52 43.02 -1.94
CA ARG A 201 -2.54 43.01 -1.91
C ARG A 201 -1.57 41.88 -2.22
N GLU A 202 -0.34 42.23 -2.58
CA GLU A 202 0.70 41.20 -2.84
C GLU A 202 2.06 41.64 -2.27
N ASP A 203 2.81 40.71 -1.73
CA ASP A 203 4.11 40.96 -1.28
C ASP A 203 4.93 39.81 -1.80
N SER A 204 6.09 40.07 -2.38
CA SER A 204 6.92 39.01 -2.96
CA SER A 204 6.93 39.05 -3.01
C SER A 204 8.33 39.15 -2.46
N TYR A 205 8.83 38.05 -1.94
CA TYR A 205 10.16 38.05 -1.32
C TYR A 205 11.14 37.16 -2.03
N HIS A 206 12.40 37.61 -2.16
CA HIS A 206 13.38 36.89 -2.95
C HIS A 206 14.72 37.40 -2.50
N TYR A 207 15.37 36.64 -1.65
CA TYR A 207 16.66 37.08 -1.09
C TYR A 207 17.83 36.46 -1.89
N GLU A 208 18.79 37.29 -2.23
CA GLU A 208 19.94 36.95 -3.14
C GLU A 208 19.76 35.79 -4.09
N GLN B 21 8.58 -4.51 -12.94
CA GLN B 21 7.36 -4.26 -12.09
C GLN B 21 6.91 -5.47 -11.24
N VAL B 22 7.16 -6.69 -11.71
CA VAL B 22 6.92 -7.86 -10.84
C VAL B 22 7.91 -7.75 -9.70
N LEU B 23 9.18 -7.54 -10.06
CA LEU B 23 10.26 -7.38 -9.11
C LEU B 23 10.03 -6.29 -8.06
N GLU B 24 9.37 -5.20 -8.46
CA GLU B 24 9.13 -4.13 -7.52
C GLU B 24 7.97 -4.51 -6.58
N GLY B 25 7.01 -5.32 -7.06
CA GLY B 25 5.91 -5.85 -6.24
C GLY B 25 6.51 -6.80 -5.18
N LEU B 26 7.49 -7.61 -5.56
CA LEU B 26 8.16 -8.54 -4.64
C LEU B 26 8.86 -7.71 -3.55
N GLU B 27 9.48 -6.62 -3.97
CA GLU B 27 10.29 -5.86 -3.00
C GLU B 27 9.38 -5.12 -2.05
N ALA B 28 8.25 -4.68 -2.54
CA ALA B 28 7.28 -4.00 -1.70
C ALA B 28 6.75 -4.90 -0.63
N VAL B 29 6.44 -6.15 -0.99
CA VAL B 29 5.93 -7.07 -0.01
C VAL B 29 7.00 -7.36 1.03
N ARG B 30 8.24 -7.58 0.60
CA ARG B 30 9.28 -7.95 1.53
C ARG B 30 9.67 -6.78 2.45
N LYS B 31 9.39 -5.54 2.03
CA LYS B 31 9.67 -4.33 2.88
C LYS B 31 8.54 -4.07 3.88
N ARG B 32 7.30 -4.38 3.54
CA ARG B 32 6.19 -4.21 4.47
CA ARG B 32 6.17 -4.20 4.46
C ARG B 32 5.34 -5.49 4.59
N PRO B 33 5.97 -6.59 5.07
CA PRO B 33 5.22 -7.88 5.14
C PRO B 33 3.96 -7.83 5.96
N GLY B 34 3.97 -7.01 7.02
CA GLY B 34 2.81 -6.89 7.88
C GLY B 34 1.53 -6.39 7.27
N MET B 35 1.65 -5.59 6.21
CA MET B 35 0.50 -5.13 5.46
CA MET B 35 0.50 -5.12 5.43
C MET B 35 -0.26 -6.26 4.73
N TYR B 36 0.44 -7.34 4.41
CA TYR B 36 -0.09 -8.47 3.65
C TYR B 36 -0.39 -9.66 4.51
N ILE B 37 0.41 -9.90 5.57
CA ILE B 37 0.21 -11.09 6.40
C ILE B 37 -0.02 -10.80 7.86
N GLY B 38 -0.24 -9.52 8.21
CA GLY B 38 -0.54 -9.14 9.63
C GLY B 38 0.70 -8.80 10.45
N SER B 39 1.72 -9.64 10.40
CA SER B 39 2.86 -9.48 11.27
C SER B 39 3.95 -10.44 10.80
N THR B 40 5.16 -10.29 11.34
CA THR B 40 6.28 -11.18 11.08
C THR B 40 6.58 -12.14 12.24
N SER B 41 5.71 -12.17 13.23
CA SER B 41 5.78 -13.01 14.44
C SER B 41 5.30 -14.42 14.05
N GLU B 42 5.21 -15.32 15.02
CA GLU B 42 4.59 -16.66 14.82
C GLU B 42 3.26 -16.65 14.11
N ARG B 43 2.41 -15.70 14.43
CA ARG B 43 1.12 -15.51 13.78
C ARG B 43 1.28 -15.31 12.27
N GLY B 44 2.24 -14.48 11.86
CA GLY B 44 2.52 -14.27 10.44
C GLY B 44 3.05 -15.48 9.76
N LEU B 45 3.96 -16.16 10.43
CA LEU B 45 4.52 -17.38 9.90
C LEU B 45 3.35 -18.37 9.54
N HIS B 46 2.44 -18.59 10.43
CA HIS B 46 1.35 -19.53 10.19
C HIS B 46 0.37 -19.00 9.12
N HIS B 47 0.32 -17.67 8.94
CA HIS B 47 -0.57 -17.08 7.97
C HIS B 47 -0.09 -17.42 6.57
N LEU B 48 1.21 -17.69 6.40
CA LEU B 48 1.73 -18.17 5.05
C LEU B 48 1.00 -19.47 4.71
N VAL B 49 0.86 -20.35 5.71
CA VAL B 49 0.13 -21.63 5.46
C VAL B 49 -1.31 -21.33 5.07
N TRP B 50 -1.97 -20.41 5.77
CA TRP B 50 -3.33 -20.13 5.44
C TRP B 50 -3.55 -19.56 4.04
N GLU B 51 -2.59 -18.78 3.56
CA GLU B 51 -2.67 -18.20 2.21
C GLU B 51 -2.66 -19.34 1.16
N ILE B 52 -1.71 -20.26 1.33
CA ILE B 52 -1.60 -21.31 0.32
C ILE B 52 -2.80 -22.28 0.48
N VAL B 53 -3.17 -22.65 1.73
CA VAL B 53 -4.31 -23.55 1.89
C VAL B 53 -5.55 -22.92 1.32
N ASP B 54 -5.67 -21.60 1.49
CA ASP B 54 -6.83 -20.88 0.95
CA ASP B 54 -6.84 -20.94 0.95
C ASP B 54 -6.97 -21.05 -0.57
N ASN B 55 -5.85 -21.02 -1.27
CA ASN B 55 -5.85 -21.24 -2.68
C ASN B 55 -6.39 -22.63 -3.04
N SER B 56 -6.01 -23.66 -2.26
CA SER B 56 -6.58 -24.99 -2.45
C SER B 56 -8.08 -25.04 -2.11
N ILE B 57 -8.50 -24.40 -1.00
CA ILE B 57 -9.89 -24.32 -0.67
C ILE B 57 -10.71 -23.64 -1.78
N ASP B 58 -10.17 -22.62 -2.42
CA ASP B 58 -10.86 -21.98 -3.57
C ASP B 58 -11.12 -23.02 -4.72
N GLU B 59 -10.14 -23.92 -4.89
CA GLU B 59 -10.25 -24.96 -5.87
C GLU B 59 -11.34 -25.98 -5.48
N ALA B 60 -11.50 -26.23 -4.19
CA ALA B 60 -12.58 -27.05 -3.68
C ALA B 60 -13.91 -26.35 -3.88
N LEU B 61 -13.94 -25.09 -3.53
CA LEU B 61 -15.16 -24.27 -3.69
C LEU B 61 -15.63 -24.17 -5.14
N ALA B 62 -14.69 -24.18 -6.07
CA ALA B 62 -14.99 -24.19 -7.48
C ALA B 62 -15.52 -25.55 -7.93
N GLY B 63 -15.38 -26.60 -7.15
CA GLY B 63 -15.90 -27.88 -7.47
C GLY B 63 -14.94 -28.94 -7.94
N TYR B 64 -13.64 -28.65 -7.93
CA TYR B 64 -12.67 -29.53 -8.59
C TYR B 64 -11.71 -30.26 -7.65
N ALA B 65 -11.55 -29.83 -6.39
CA ALA B 65 -10.69 -30.54 -5.46
C ALA B 65 -11.55 -31.11 -4.32
N ASN B 66 -11.23 -32.29 -3.84
CA ASN B 66 -11.84 -32.76 -2.59
C ASN B 66 -10.88 -33.37 -1.56
N GLN B 67 -9.58 -33.18 -1.82
CA GLN B 67 -8.53 -33.62 -0.89
C GLN B 67 -7.47 -32.56 -0.87
N ILE B 68 -7.10 -32.17 0.34
CA ILE B 68 -6.06 -31.17 0.59
C ILE B 68 -5.18 -31.79 1.70
N GLU B 69 -3.87 -31.73 1.50
CA GLU B 69 -2.90 -32.23 2.46
C GLU B 69 -1.90 -31.17 2.75
N VAL B 70 -1.69 -30.95 4.02
CA VAL B 70 -0.68 -30.04 4.53
C VAL B 70 0.38 -30.84 5.31
N VAL B 71 1.66 -30.71 4.93
CA VAL B 71 2.72 -31.47 5.57
C VAL B 71 3.70 -30.45 6.10
N ILE B 72 4.06 -30.62 7.37
CA ILE B 72 5.19 -29.88 7.91
C ILE B 72 6.40 -30.80 7.73
N GLU B 73 7.30 -30.38 6.84
CA GLU B 73 8.40 -31.14 6.39
C GLU B 73 9.68 -30.75 7.16
N LYS B 74 10.70 -31.58 7.00
CA LYS B 74 12.02 -31.32 7.51
C LYS B 74 12.41 -29.87 7.26
N ASP B 75 13.04 -29.28 8.27
CA ASP B 75 13.50 -27.90 8.20
C ASP B 75 12.34 -26.91 8.04
N ASN B 76 11.13 -27.27 8.50
CA ASN B 76 10.00 -26.38 8.47
C ASN B 76 9.73 -25.80 7.08
N TRP B 77 9.92 -26.66 6.07
CA TRP B 77 9.20 -26.48 4.87
C TRP B 77 7.71 -26.89 5.11
N ILE B 78 6.83 -26.28 4.34
CA ILE B 78 5.46 -26.66 4.32
C ILE B 78 5.19 -27.14 2.93
N LYS B 79 4.39 -28.23 2.82
CA LYS B 79 3.96 -28.72 1.53
C LYS B 79 2.46 -28.77 1.56
N VAL B 80 1.79 -28.10 0.61
CA VAL B 80 0.33 -28.17 0.45
C VAL B 80 0.03 -28.79 -0.90
N THR B 81 -0.74 -29.85 -0.88
CA THR B 81 -1.14 -30.52 -2.09
C THR B 81 -2.66 -30.48 -2.18
N ASP B 82 -3.21 -30.27 -3.38
CA ASP B 82 -4.63 -30.54 -3.60
C ASP B 82 -4.81 -31.35 -4.87
N ASN B 83 -5.99 -31.93 -5.02
CA ASN B 83 -6.28 -32.72 -6.21
C ASN B 83 -7.23 -31.92 -7.13
N GLY B 84 -7.08 -30.61 -7.20
CA GLY B 84 -7.84 -29.77 -8.13
C GLY B 84 -7.33 -29.83 -9.52
N ARG B 85 -7.55 -28.76 -10.30
CA ARG B 85 -7.23 -28.87 -11.77
C ARG B 85 -5.76 -28.72 -12.09
N GLY B 86 -4.99 -28.23 -11.16
CA GLY B 86 -3.60 -27.84 -11.41
C GLY B 86 -3.52 -26.43 -11.93
N ILE B 87 -2.60 -25.61 -11.39
CA ILE B 87 -2.47 -24.23 -11.82
C ILE B 87 -2.17 -24.19 -13.34
N PRO B 88 -2.90 -23.35 -14.10
CA PRO B 88 -2.63 -23.35 -15.54
C PRO B 88 -1.21 -22.97 -15.87
N VAL B 89 -0.72 -23.54 -16.97
CA VAL B 89 0.61 -23.34 -17.45
C VAL B 89 0.76 -22.63 -18.79
N ASP B 90 -0.38 -22.36 -19.42
CA ASP B 90 -0.46 -21.65 -20.70
CA ASP B 90 -0.30 -21.72 -20.75
C ASP B 90 0.23 -20.28 -20.63
N ILE B 91 0.83 -19.86 -21.72
CA ILE B 91 1.63 -18.65 -21.81
C ILE B 91 0.70 -17.52 -21.98
N GLN B 92 0.90 -16.46 -21.19
CA GLN B 92 0.13 -15.17 -21.31
C GLN B 92 0.72 -14.20 -22.35
N GLY B 96 3.76 -12.78 -21.50
CA GLY B 96 4.83 -13.51 -22.17
C GLY B 96 5.40 -14.68 -21.39
N ARG B 97 4.72 -15.07 -20.32
CA ARG B 97 5.21 -16.16 -19.41
C ARG B 97 4.06 -17.13 -19.03
N PRO B 98 4.37 -18.35 -18.54
CA PRO B 98 3.31 -19.27 -18.12
C PRO B 98 2.49 -18.70 -17.02
N ALA B 99 1.20 -18.98 -17.03
CA ALA B 99 0.27 -18.47 -16.04
C ALA B 99 0.69 -18.81 -14.63
N VAL B 100 1.13 -20.05 -14.41
CA VAL B 100 1.65 -20.41 -13.03
C VAL B 100 2.77 -19.44 -12.55
N GLU B 101 3.71 -19.11 -13.43
CA GLU B 101 4.80 -18.24 -13.10
C GLU B 101 4.24 -16.85 -12.74
N VAL B 102 3.31 -16.34 -13.57
CA VAL B 102 2.73 -15.01 -13.29
C VAL B 102 1.98 -15.00 -11.92
N ILE B 103 1.24 -16.05 -11.69
CA ILE B 103 0.55 -16.22 -10.43
C ILE B 103 1.51 -16.31 -9.25
N LEU B 104 2.48 -17.21 -9.35
CA LEU B 104 3.39 -17.40 -8.19
C LEU B 104 4.36 -16.24 -7.94
N THR B 105 4.70 -15.48 -8.96
CA THR B 105 5.58 -14.35 -8.79
C THR B 105 4.81 -13.13 -8.27
N SER B 106 3.49 -13.26 -8.22
CA SER B 106 2.56 -12.28 -7.59
CA SER B 106 2.67 -12.20 -7.55
C SER B 106 2.12 -12.70 -6.21
N SER B 107 2.65 -13.81 -5.72
CA SER B 107 2.22 -14.36 -4.45
C SER B 107 3.04 -13.76 -3.25
N VAL B 108 2.31 -13.33 -2.23
CA VAL B 108 2.90 -12.87 -0.97
C VAL B 108 3.74 -13.99 -0.31
N VAL B 109 3.25 -15.20 -0.34
CA VAL B 109 3.98 -16.27 0.29
C VAL B 109 5.30 -16.48 -0.43
N ASN B 110 5.30 -16.47 -1.77
CA ASN B 110 6.55 -16.63 -2.51
C ASN B 110 7.57 -15.53 -2.22
N ALA B 111 7.11 -14.28 -2.14
CA ALA B 111 7.97 -13.12 -1.87
C ALA B 111 8.60 -13.26 -0.46
N LEU B 112 7.86 -13.86 0.45
CA LEU B 112 8.29 -14.00 1.86
C LEU B 112 8.89 -15.38 2.16
N SER B 113 9.20 -16.18 1.14
CA SER B 113 9.84 -17.44 1.27
C SER B 113 11.21 -17.40 0.72
N GLN B 114 12.16 -17.94 1.48
CA GLN B 114 13.53 -18.14 1.02
CA GLN B 114 13.49 -18.03 0.94
C GLN B 114 13.56 -19.01 -0.24
N ASP B 115 12.67 -20.00 -0.29
CA ASP B 115 12.63 -20.94 -1.41
C ASP B 115 11.17 -21.40 -1.52
N LEU B 116 10.71 -21.51 -2.75
CA LEU B 116 9.37 -22.06 -2.99
C LEU B 116 9.47 -22.88 -4.25
N GLU B 117 8.77 -24.03 -4.26
CA GLU B 117 8.67 -24.97 -5.41
C GLU B 117 7.23 -25.24 -5.74
N VAL B 118 6.92 -25.38 -7.01
CA VAL B 118 5.60 -25.82 -7.42
C VAL B 118 5.78 -27.02 -8.30
N TYR B 119 4.81 -27.95 -8.21
CA TYR B 119 4.66 -29.06 -9.10
C TYR B 119 3.24 -29.09 -9.53
N VAL B 120 2.96 -28.90 -10.82
CA VAL B 120 1.62 -28.91 -11.34
C VAL B 120 1.41 -30.23 -12.05
N HIS B 121 0.35 -30.93 -11.75
CA HIS B 121 -0.08 -32.13 -12.45
C HIS B 121 -1.28 -31.68 -13.29
N ARG B 122 -1.07 -31.61 -14.60
CA ARG B 122 -2.08 -31.14 -15.53
C ARG B 122 -1.69 -31.60 -16.95
N ASN B 123 -2.68 -31.73 -17.79
CA ASN B 123 -2.37 -32.12 -19.23
C ASN B 123 -1.51 -33.43 -19.27
N GLU B 124 -1.70 -34.32 -18.30
CA GLU B 124 -0.99 -35.61 -18.15
CA GLU B 124 -1.00 -35.60 -18.22
C GLU B 124 0.53 -35.37 -18.02
N THR B 125 0.88 -34.18 -17.52
CA THR B 125 2.27 -33.72 -17.46
C THR B 125 2.50 -33.21 -16.05
N ILE B 126 3.74 -33.38 -15.56
CA ILE B 126 4.14 -32.73 -14.31
C ILE B 126 5.06 -31.58 -14.64
N TYR B 127 4.74 -30.38 -14.20
CA TYR B 127 5.50 -29.15 -14.52
C TYR B 127 6.09 -28.67 -13.24
N HIS B 128 7.30 -28.14 -13.28
CA HIS B 128 7.98 -27.73 -12.06
C HIS B 128 8.65 -26.39 -12.26
N GLN B 129 8.55 -25.51 -11.28
CA GLN B 129 9.36 -24.28 -11.19
C GLN B 129 9.77 -24.10 -9.75
N ALA B 130 10.91 -23.45 -9.56
CA ALA B 130 11.36 -23.06 -8.23
C ALA B 130 11.71 -21.58 -8.24
N TYR B 131 11.61 -20.97 -7.06
CA TYR B 131 11.79 -19.56 -6.83
C TYR B 131 12.55 -19.33 -5.56
N LYS B 132 13.18 -18.16 -5.48
CA LYS B 132 13.83 -17.71 -4.21
C LYS B 132 13.44 -16.28 -3.99
N LYS B 133 12.79 -15.99 -2.87
CA LYS B 133 12.25 -14.64 -2.59
C LYS B 133 11.37 -14.15 -3.67
N GLY B 134 10.63 -15.11 -4.29
CA GLY B 134 9.73 -14.77 -5.36
C GLY B 134 10.35 -14.79 -6.78
N VAL B 135 11.64 -14.83 -6.88
CA VAL B 135 12.34 -14.78 -8.17
C VAL B 135 12.50 -16.20 -8.76
N PRO B 136 11.95 -16.40 -9.98
CA PRO B 136 12.12 -17.75 -10.62
C PRO B 136 13.56 -18.08 -10.80
N GLN B 137 13.97 -19.29 -10.48
CA GLN B 137 15.34 -19.74 -10.62
C GLN B 137 15.64 -20.32 -11.99
N PHE B 138 14.61 -20.72 -12.67
CA PHE B 138 14.67 -21.38 -13.97
C PHE B 138 13.24 -21.36 -14.57
N ASP B 139 13.15 -21.59 -15.87
CA ASP B 139 11.87 -21.53 -16.55
C ASP B 139 11.04 -22.76 -16.13
N LEU B 140 9.72 -22.62 -16.07
CA LEU B 140 8.86 -23.78 -15.85
C LEU B 140 9.25 -24.88 -16.80
N LYS B 141 9.35 -26.08 -16.29
CA LYS B 141 9.75 -27.22 -17.12
C LYS B 141 8.98 -28.46 -16.88
N GLU B 142 8.90 -29.29 -17.88
CA GLU B 142 8.29 -30.59 -17.73
CA GLU B 142 8.28 -30.57 -17.76
C GLU B 142 9.23 -31.55 -17.05
N VAL B 143 8.74 -32.20 -16.01
CA VAL B 143 9.58 -33.15 -15.23
C VAL B 143 8.94 -34.56 -15.07
N GLY B 144 7.90 -34.89 -15.85
CA GLY B 144 7.24 -36.18 -15.63
C GLY B 144 5.90 -36.27 -16.31
N THR B 145 5.34 -37.46 -16.19
CA THR B 145 4.05 -37.80 -16.77
C THR B 145 3.16 -38.22 -15.63
N THR B 146 1.88 -37.93 -15.78
CA THR B 146 0.95 -38.25 -14.66
C THR B 146 -0.41 -38.53 -15.25
N ASP B 147 -1.20 -39.20 -14.44
CA ASP B 147 -2.58 -39.42 -14.77
C ASP B 147 -3.48 -38.78 -13.77
N LYS B 148 -2.94 -37.84 -12.98
CA LYS B 148 -3.69 -37.22 -11.90
C LYS B 148 -3.63 -35.71 -12.24
N THR B 149 -4.53 -34.92 -11.62
CA THR B 149 -4.45 -33.49 -11.75
C THR B 149 -4.46 -32.91 -10.35
N GLY B 150 -3.76 -31.80 -10.21
CA GLY B 150 -3.66 -31.09 -8.92
C GLY B 150 -2.38 -30.30 -8.83
N THR B 151 -2.17 -29.69 -7.68
CA THR B 151 -1.05 -28.78 -7.45
C THR B 151 -0.36 -29.15 -6.16
N VAL B 152 0.98 -29.04 -6.24
CA VAL B 152 1.82 -29.19 -5.04
C VAL B 152 2.64 -27.90 -4.92
N ILE B 153 2.53 -27.23 -3.75
CA ILE B 153 3.36 -26.06 -3.41
C ILE B 153 4.17 -26.44 -2.21
N ARG B 154 5.52 -26.21 -2.20
CA ARG B 154 6.29 -26.38 -1.01
C ARG B 154 7.05 -25.07 -0.81
N PHE B 155 7.14 -24.60 0.43
CA PHE B 155 7.86 -23.38 0.66
C PHE B 155 8.53 -23.40 2.00
N LYS B 156 9.61 -22.62 2.06
CA LYS B 156 10.33 -22.41 3.29
CA LYS B 156 10.41 -22.42 3.27
C LYS B 156 10.38 -20.92 3.55
N ALA B 157 9.73 -20.55 4.62
CA ALA B 157 9.64 -19.19 5.08
C ALA B 157 11.02 -18.59 5.24
N ASP B 158 11.10 -17.30 4.88
CA ASP B 158 12.38 -16.60 4.93
C ASP B 158 12.71 -16.10 6.34
N GLY B 159 13.79 -16.63 6.86
CA GLY B 159 14.19 -16.42 8.25
C GLY B 159 14.73 -15.02 8.43
N GLU B 160 15.03 -14.35 7.31
CA GLU B 160 15.39 -12.95 7.38
C GLU B 160 14.18 -12.05 7.62
N ILE B 161 12.99 -12.50 7.25
CA ILE B 161 11.75 -11.84 7.50
C ILE B 161 11.15 -12.26 8.88
N PHE B 162 11.08 -13.58 9.11
CA PHE B 162 10.42 -14.15 10.24
C PHE B 162 11.50 -14.42 11.24
N THR B 163 11.91 -13.35 11.94
CA THR B 163 13.10 -13.44 12.78
C THR B 163 12.77 -14.03 14.17
N GLU B 164 11.52 -13.94 14.61
CA GLU B 164 11.12 -14.54 15.93
C GLU B 164 11.15 -16.07 15.91
N THR B 165 10.54 -16.68 14.88
CA THR B 165 10.53 -18.11 14.79
C THR B 165 10.18 -18.46 13.31
N THR B 166 10.83 -19.50 12.84
CA THR B 166 10.38 -20.20 11.61
C THR B 166 9.85 -21.61 11.89
N VAL B 167 9.58 -21.93 13.18
CA VAL B 167 9.07 -23.25 13.59
C VAL B 167 7.58 -23.19 13.72
N TYR B 168 6.89 -24.08 12.96
CA TYR B 168 5.46 -24.18 13.05
C TYR B 168 5.00 -24.98 14.27
N ASN B 169 3.79 -24.69 14.66
CA ASN B 169 3.14 -25.29 15.78
C ASN B 169 2.02 -26.21 15.29
N TYR B 170 2.16 -27.51 15.53
CA TYR B 170 1.21 -28.46 15.00
C TYR B 170 -0.19 -28.23 15.46
N GLU B 171 -0.34 -27.93 16.76
CA GLU B 171 -1.69 -27.67 17.27
C GLU B 171 -2.36 -26.44 16.69
N THR B 172 -1.61 -25.38 16.42
CA THR B 172 -2.16 -24.23 15.72
C THR B 172 -2.71 -24.61 14.36
N LEU B 173 -1.89 -25.36 13.63
CA LEU B 173 -2.31 -25.84 12.30
C LEU B 173 -3.52 -26.75 12.40
N GLN B 174 -3.53 -27.65 13.37
CA GLN B 174 -4.54 -28.61 13.53
C GLN B 174 -5.90 -28.01 13.78
N GLN B 175 -5.89 -27.03 14.68
CA GLN B 175 -7.13 -26.40 15.05
C GLN B 175 -7.79 -25.67 13.89
N ARG B 176 -7.00 -24.97 13.03
CA ARG B 176 -7.55 -24.22 11.91
CA ARG B 176 -7.59 -24.22 11.94
C ARG B 176 -7.99 -25.19 10.82
N ILE B 177 -7.21 -26.23 10.59
CA ILE B 177 -7.56 -27.19 9.60
CA ILE B 177 -7.61 -27.16 9.54
C ILE B 177 -8.87 -27.92 9.92
N ARG B 178 -9.06 -28.21 11.21
CA ARG B 178 -10.32 -28.83 11.60
C ARG B 178 -11.52 -27.88 11.32
N GLU B 179 -11.36 -26.59 11.63
CA GLU B 179 -12.34 -25.55 11.31
C GLU B 179 -12.60 -25.46 9.80
N LEU B 180 -11.53 -25.51 9.00
CA LEU B 180 -11.70 -25.46 7.55
C LEU B 180 -12.40 -26.64 6.98
N ALA B 181 -12.16 -27.85 7.56
CA ALA B 181 -12.83 -29.01 7.10
C ALA B 181 -14.32 -28.92 7.50
N PHE B 182 -14.56 -28.37 8.67
CA PHE B 182 -15.94 -28.24 9.13
C PHE B 182 -16.75 -27.25 8.26
N LEU B 183 -16.06 -26.19 7.81
CA LEU B 183 -16.70 -25.23 6.86
C LEU B 183 -16.91 -25.83 5.47
N ASN B 184 -16.03 -26.75 5.10
CA ASN B 184 -16.02 -27.29 3.73
C ASN B 184 -16.29 -28.78 3.76
N LYS B 185 -17.56 -29.08 4.04
CA LYS B 185 -18.05 -30.42 4.13
C LYS B 185 -17.67 -31.24 2.95
N GLY B 186 -17.21 -32.45 3.25
CA GLY B 186 -16.90 -33.38 2.18
C GLY B 186 -15.53 -33.21 1.56
N ILE B 187 -14.78 -32.21 2.05
CA ILE B 187 -13.34 -32.09 1.63
C ILE B 187 -12.53 -32.74 2.72
N GLN B 188 -11.68 -33.66 2.33
CA GLN B 188 -10.82 -34.26 3.30
CA GLN B 188 -10.74 -34.31 3.22
C GLN B 188 -9.55 -33.43 3.40
N ILE B 189 -9.25 -33.01 4.62
CA ILE B 189 -8.06 -32.17 4.84
C ILE B 189 -7.19 -32.94 5.83
N THR B 190 -5.96 -33.18 5.43
CA THR B 190 -5.01 -33.95 6.25
C THR B 190 -3.86 -33.05 6.63
N LEU B 191 -3.46 -33.14 7.89
CA LEU B 191 -2.27 -32.51 8.41
C LEU B 191 -1.26 -33.60 8.80
N ARG B 192 0.00 -33.43 8.45
CA ARG B 192 1.03 -34.39 8.85
C ARG B 192 2.27 -33.66 9.27
N ASP B 193 2.93 -34.12 10.36
CA ASP B 193 4.23 -33.59 10.79
C ASP B 193 5.28 -34.62 10.52
N GLU B 194 6.17 -34.34 9.58
CA GLU B 194 7.24 -35.20 9.21
C GLU B 194 8.60 -34.65 9.72
N ARG B 195 8.58 -33.68 10.57
CA ARG B 195 9.84 -33.09 11.02
C ARG B 195 10.63 -34.05 11.93
N ASP B 196 9.97 -34.87 12.70
CA ASP B 196 10.67 -35.95 13.52
C ASP B 196 10.40 -37.22 12.72
N GLU B 197 11.32 -37.58 11.88
CA GLU B 197 11.14 -38.71 10.95
C GLU B 197 10.88 -40.07 11.59
N GLU B 198 11.33 -40.23 12.81
CA GLU B 198 11.07 -41.47 13.54
C GLU B 198 9.72 -41.47 14.25
N ASN B 199 9.02 -40.32 14.27
CA ASN B 199 7.80 -40.18 15.04
C ASN B 199 6.83 -39.23 14.23
N VAL B 200 6.14 -39.78 13.25
CA VAL B 200 5.34 -39.02 12.34
C VAL B 200 3.90 -38.99 12.78
N ARG B 201 3.29 -37.83 12.85
CA ARG B 201 1.96 -37.63 13.40
C ARG B 201 1.06 -37.10 12.30
N GLU B 202 -0.14 -37.69 12.18
CA GLU B 202 -1.10 -37.20 11.17
C GLU B 202 -2.50 -37.14 11.75
N ASP B 203 -3.28 -36.15 11.33
CA ASP B 203 -4.71 -36.06 11.64
C ASP B 203 -5.39 -35.71 10.32
N SER B 204 -6.46 -36.44 10.01
CA SER B 204 -7.23 -36.17 8.82
CA SER B 204 -7.25 -36.14 8.83
C SER B 204 -8.69 -35.95 9.20
N TYR B 205 -9.27 -34.91 8.59
CA TYR B 205 -10.60 -34.43 8.91
C TYR B 205 -11.44 -34.52 7.68
N HIS B 206 -12.64 -35.08 7.81
CA HIS B 206 -13.56 -35.21 6.66
C HIS B 206 -14.99 -35.21 7.21
N TYR B 207 -15.61 -34.07 7.20
CA TYR B 207 -16.97 -33.97 7.79
C TYR B 207 -17.99 -34.28 6.69
N GLU B 208 -18.97 -35.12 6.96
CA GLU B 208 -19.83 -35.63 5.89
C GLU B 208 -20.72 -34.48 5.46
N GLY B 209 -20.94 -34.37 4.14
CA GLY B 209 -21.77 -33.32 3.51
C GLY B 209 -21.24 -33.03 2.11
C1 MPD C . 3.13 25.20 -13.77
C2 MPD C . 2.88 25.66 -12.37
O2 MPD C . 4.15 25.91 -11.80
CM MPD C . 2.25 24.58 -11.53
C3 MPD C . 2.12 26.98 -12.34
C4 MPD C . 0.83 27.02 -13.16
O4 MPD C . -0.35 27.27 -12.33
C5 MPD C . 1.03 28.07 -14.24
C1 MPD D . -4.14 26.32 -13.90
C2 MPD D . -3.87 25.10 -12.99
O2 MPD D . -2.44 25.00 -12.93
CM MPD D . -4.32 23.77 -13.57
C3 MPD D . -4.46 25.25 -11.56
C4 MPD D . -5.70 26.12 -11.36
O4 MPD D . -6.82 25.58 -12.07
C5 MPD D . -6.07 26.21 -9.88
CL CL E . 5.01 10.25 -12.34
MG MG F . 9.23 17.11 3.99
C1 MPD G . -1.46 -35.95 -7.79
C2 MPD G . -1.46 -34.88 -6.73
O2 MPD G . -2.80 -34.80 -6.23
CM MPD G . -1.16 -33.50 -7.32
C3 MPD G . -0.54 -35.15 -5.56
C4 MPD G . 0.32 -36.42 -5.33
O4 MPD G . 0.03 -37.44 -6.26
C5 MPD G . 1.84 -36.10 -5.35
C1 MPD H . 6.89 -32.88 -4.01
C2 MPD H . 6.19 -34.03 -4.77
O2 MPD H . 4.76 -33.97 -4.62
CM MPD H . 6.75 -35.32 -4.17
C3 MPD H . 6.41 -33.97 -6.26
C4 MPD H . 5.51 -34.93 -7.08
O4 MPD H . 4.07 -34.67 -7.16
C5 MPD H . 6.07 -34.70 -8.46
C1 MPD I . -4.16 -34.23 -2.00
C2 MPD I . -3.88 -35.70 -2.35
O2 MPD I . -4.32 -36.52 -1.29
CM MPD I . -4.71 -36.18 -3.54
C3 MPD I . -2.39 -36.02 -2.51
C4 MPD I . -1.83 -37.11 -1.59
O4 MPD I . -2.50 -38.35 -1.90
C5 MPD I . -0.30 -37.26 -1.68
CL CL J . 4.64 -28.65 17.12
O 55H K . -1.13 -21.82 -3.97
C1 55H K . -1.91 -22.09 -4.92
C5 55H K . -2.22 -21.15 -5.92
C4 55H K . -3.16 -21.47 -6.94
C3 55H K . -3.73 -22.76 -6.90
C6 55H K . -4.66 -23.58 -7.71
N2 55H K . -4.88 -24.81 -7.14
N3 55H K . -4.03 -24.85 -6.01
C2 55H K . -3.33 -23.70 -5.85
N1 55H K . -2.45 -23.32 -4.91
C7 55H K . -5.39 -23.07 -8.93
S 55H K . -6.00 -24.21 -10.05
C9 55H K . -6.64 -22.94 -11.02
N4 55H K . -6.37 -21.72 -10.48
C8 55H K . -5.66 -21.76 -9.33
C10 55H K . -7.31 -23.13 -12.30
C14 55H K . -7.10 -24.27 -13.02
N5 55H K . -7.77 -24.49 -14.17
C13 55H K . -8.49 -23.50 -14.70
C12 55H K . -8.69 -22.27 -14.03
C11 55H K . -8.07 -22.05 -12.79
MG MG L . -5.35 -16.64 -2.69
#